data_3P5N
#
_entry.id   3P5N
#
_cell.length_a   50.434
_cell.length_b   94.244
_cell.length_c   115.402
_cell.angle_alpha   90.000
_cell.angle_beta   90.000
_cell.angle_gamma   90.000
#
_symmetry.space_group_name_H-M   'P 21 21 21'
#
loop_
_entity.id
_entity.type
_entity.pdbx_description
1 polymer 'Riboflavin uptake protein'
2 non-polymer RIBOFLAVIN
#
_entity_poly.entity_id   1
_entity_poly.type   'polypeptide(L)'
_entity_poly.pdbx_seq_one_letter_code
;MNGRRKLNMQQNKRLITISMLSAIAFVLTFIKFPIPFLPPYLTLDFSDVPSLLATFTFGPVAGIIVALVKNLLNYLFSMG
DPVGPFANFLAGASFLLTAYAIYKNKRSTKSLITGLIIATIVMTIVLSILNYFVLLPLYGMIFNLADIANNLKVIIVSGI
IPFNIIKGIVISIVFILLYRRLANFLKRI
;
_entity_poly.pdbx_strand_id   A,B
#
loop_
_chem_comp.id
_chem_comp.type
_chem_comp.name
_chem_comp.formula
RBF non-polymer RIBOFLAVIN 'C17 H20 N4 O6'
#
# COMPACT_ATOMS: atom_id res chain seq x y z
N GLN A 10 5.02 14.85 -11.55
CA GLN A 10 3.71 15.45 -11.77
C GLN A 10 2.68 14.34 -11.83
N GLN A 11 2.60 13.69 -12.99
CA GLN A 11 1.89 12.44 -13.13
C GLN A 11 2.45 11.50 -12.07
N ASN A 12 3.77 11.57 -11.88
CA ASN A 12 4.44 10.75 -10.88
C ASN A 12 4.13 11.16 -9.45
N LYS A 13 3.94 12.45 -9.22
CA LYS A 13 3.54 12.95 -7.91
C LYS A 13 2.17 12.40 -7.51
N ARG A 14 1.23 12.46 -8.45
CA ARG A 14 -0.09 11.88 -8.24
C ARG A 14 0.03 10.40 -7.95
N LEU A 15 0.86 9.72 -8.74
CA LEU A 15 1.01 8.29 -8.59
C LEU A 15 1.60 7.91 -7.23
N ILE A 16 2.62 8.65 -6.80
CA ILE A 16 3.24 8.40 -5.50
C ILE A 16 2.21 8.47 -4.38
N THR A 17 1.48 9.58 -4.29
CA THR A 17 0.49 9.74 -3.20
C THR A 17 -0.66 8.74 -3.27
N ILE A 18 -1.15 8.46 -4.48
CA ILE A 18 -2.15 7.41 -4.63
C ILE A 18 -1.64 6.14 -3.97
N SER A 19 -0.39 5.79 -4.26
CA SER A 19 0.22 4.60 -3.67
C SER A 19 0.25 4.62 -2.13
N MET A 20 0.61 5.76 -1.57
CA MET A 20 0.67 5.86 -0.11
C MET A 20 -0.70 5.62 0.48
N LEU A 21 -1.72 6.25 -0.13
CA LEU A 21 -3.10 6.16 0.35
C LEU A 21 -3.65 4.74 0.28
N SER A 22 -3.25 4.03 -0.78
CA SER A 22 -3.62 2.61 -0.95
C SER A 22 -2.93 1.71 0.09
N ALA A 23 -1.68 2.05 0.43
CA ALA A 23 -0.92 1.32 1.43
C ALA A 23 -1.59 1.41 2.81
N ILE A 24 -1.87 2.65 3.21
CA ILE A 24 -2.59 2.89 4.45
C ILE A 24 -3.97 2.22 4.46
N ALA A 25 -4.67 2.30 3.35
CA ALA A 25 -5.99 1.70 3.27
C ALA A 25 -5.90 0.19 3.43
N PHE A 26 -5.00 -0.44 2.69
CA PHE A 26 -4.83 -1.88 2.77
C PHE A 26 -4.59 -2.27 4.22
N VAL A 27 -3.68 -1.55 4.87
CA VAL A 27 -3.42 -1.77 6.29
C VAL A 27 -4.71 -1.75 7.14
N LEU A 28 -5.39 -0.61 7.15
CA LEU A 28 -6.65 -0.43 7.87
C LEU A 28 -7.69 -1.46 7.47
N THR A 29 -7.38 -2.25 6.46
CA THR A 29 -8.31 -3.23 5.96
C THR A 29 -8.50 -4.29 7.01
N PHE A 30 -7.44 -4.52 7.78
CA PHE A 30 -7.39 -5.62 8.76
C PHE A 30 -7.88 -5.24 10.13
N ILE A 31 -7.84 -3.94 10.42
CA ILE A 31 -8.49 -3.39 11.61
C ILE A 31 -9.99 -3.21 11.38
N LYS A 32 -10.71 -4.33 11.32
CA LYS A 32 -12.15 -4.38 11.10
C LYS A 32 -12.81 -4.91 12.36
N PHE A 33 -14.07 -4.54 12.59
CA PHE A 33 -14.76 -4.96 13.83
C PHE A 33 -16.29 -4.97 13.78
N PRO A 34 -16.87 -6.13 13.42
CA PRO A 34 -18.29 -6.32 13.18
C PRO A 34 -19.15 -5.56 14.16
N ILE A 35 -20.36 -5.23 13.74
CA ILE A 35 -21.21 -4.34 14.53
C ILE A 35 -22.10 -5.14 15.46
N PRO A 36 -22.17 -4.74 16.73
CA PRO A 36 -23.01 -5.39 17.73
C PRO A 36 -24.44 -5.48 17.23
N PHE A 37 -25.09 -6.60 17.47
CA PHE A 37 -26.50 -6.75 17.12
C PHE A 37 -26.72 -6.83 15.63
N LEU A 38 -25.67 -6.57 14.86
CA LEU A 38 -25.77 -6.67 13.42
C LEU A 38 -24.88 -7.78 12.91
N PRO A 39 -25.25 -8.39 11.78
CA PRO A 39 -24.47 -9.42 11.10
C PRO A 39 -22.97 -9.12 11.14
N PRO A 40 -22.14 -10.18 11.11
CA PRO A 40 -20.68 -10.12 11.26
C PRO A 40 -19.87 -10.23 9.96
N TYR A 41 -20.54 -10.47 8.83
CA TYR A 41 -19.85 -10.37 7.55
C TYR A 41 -19.71 -8.92 7.17
N LEU A 42 -20.46 -8.07 7.88
CA LEU A 42 -20.36 -6.63 7.77
C LEU A 42 -19.43 -6.15 8.89
N THR A 43 -18.21 -5.80 8.55
CA THR A 43 -17.16 -5.59 9.56
C THR A 43 -16.84 -4.14 9.90
N LEU A 44 -16.73 -3.26 8.90
CA LEU A 44 -16.49 -1.83 9.13
C LEU A 44 -15.05 -1.41 9.46
N ASP A 45 -14.44 -0.65 8.56
CA ASP A 45 -13.06 -0.16 8.73
C ASP A 45 -12.85 1.19 8.03
N PHE A 46 -11.77 1.88 8.38
CA PHE A 46 -11.51 3.17 7.77
C PHE A 46 -10.59 3.00 6.59
N SER A 47 -10.64 1.82 5.99
CA SER A 47 -9.98 1.56 4.73
C SER A 47 -10.61 2.45 3.66
N ASP A 48 -11.68 3.15 4.03
CA ASP A 48 -12.41 3.98 3.09
C ASP A 48 -12.14 5.46 3.24
N VAL A 49 -11.68 5.89 4.41
CA VAL A 49 -11.31 7.29 4.61
C VAL A 49 -10.19 7.77 3.67
N PRO A 50 -9.10 7.01 3.52
CA PRO A 50 -8.06 7.40 2.57
C PRO A 50 -8.56 7.33 1.12
N SER A 51 -9.48 6.43 0.83
CA SER A 51 -10.14 6.45 -0.47
C SER A 51 -10.68 7.85 -0.70
N LEU A 52 -11.32 8.42 0.32
CA LEU A 52 -11.94 9.75 0.22
C LEU A 52 -10.97 10.91 0.15
N LEU A 53 -9.89 10.85 0.91
CA LEU A 53 -8.84 11.86 0.76
C LEU A 53 -8.30 11.82 -0.68
N ALA A 54 -8.10 10.62 -1.19
CA ALA A 54 -7.69 10.46 -2.57
C ALA A 54 -8.65 11.18 -3.52
N THR A 55 -9.95 11.01 -3.34
CA THR A 55 -10.91 11.59 -4.28
C THR A 55 -11.06 13.10 -4.15
N PHE A 56 -11.03 13.61 -2.93
CA PHE A 56 -11.08 15.06 -2.73
C PHE A 56 -9.70 15.69 -2.78
N THR A 57 -8.76 15.00 -3.40
CA THR A 57 -7.45 15.58 -3.73
C THR A 57 -7.16 15.46 -5.22
N PHE A 58 -7.49 14.30 -5.79
CA PHE A 58 -7.34 14.09 -7.23
C PHE A 58 -8.70 13.85 -7.84
N GLY A 59 -8.80 12.90 -8.76
CA GLY A 59 -10.08 12.60 -9.37
C GLY A 59 -11.03 11.94 -8.39
N PRO A 60 -12.21 11.54 -8.88
CA PRO A 60 -12.90 10.43 -8.23
C PRO A 60 -12.26 9.15 -8.74
N VAL A 61 -11.57 9.24 -9.88
CA VAL A 61 -10.81 8.13 -10.45
C VAL A 61 -9.64 7.76 -9.56
N ALA A 62 -8.95 8.78 -9.05
CA ALA A 62 -7.94 8.60 -8.02
C ALA A 62 -8.56 7.89 -6.81
N GLY A 63 -9.74 8.34 -6.40
CA GLY A 63 -10.48 7.69 -5.34
C GLY A 63 -10.73 6.22 -5.63
N ILE A 64 -11.28 5.91 -6.79
CA ILE A 64 -11.64 4.54 -7.10
C ILE A 64 -10.44 3.64 -7.12
N ILE A 65 -9.32 4.15 -7.65
CA ILE A 65 -8.09 3.38 -7.65
C ILE A 65 -7.79 2.93 -6.24
N VAL A 66 -7.96 3.83 -5.27
CA VAL A 66 -7.67 3.48 -3.89
C VAL A 66 -8.62 2.44 -3.28
N ALA A 67 -9.93 2.65 -3.42
CA ALA A 67 -10.89 1.71 -2.88
C ALA A 67 -10.65 0.34 -3.52
N LEU A 68 -10.28 0.36 -4.79
CA LEU A 68 -10.05 -0.87 -5.54
C LEU A 68 -8.80 -1.66 -5.14
N VAL A 69 -7.63 -1.01 -5.13
CA VAL A 69 -6.38 -1.66 -4.72
C VAL A 69 -6.49 -2.22 -3.30
N LYS A 70 -7.07 -1.43 -2.40
CA LYS A 70 -7.23 -1.90 -1.02
C LYS A 70 -8.00 -3.21 -1.01
N ASN A 71 -9.10 -3.25 -1.76
CA ASN A 71 -9.94 -4.44 -1.77
C ASN A 71 -9.29 -5.67 -2.39
N LEU A 72 -8.52 -5.48 -3.46
CA LEU A 72 -7.83 -6.61 -4.10
C LEU A 72 -6.88 -7.31 -3.14
N LEU A 73 -5.98 -6.54 -2.58
CA LEU A 73 -5.04 -7.08 -1.64
C LEU A 73 -5.77 -7.82 -0.51
N ASN A 74 -6.76 -7.16 0.10
CA ASN A 74 -7.54 -7.77 1.16
C ASN A 74 -8.15 -9.07 0.68
N TYR A 75 -8.46 -9.15 -0.62
CA TYR A 75 -9.01 -10.38 -1.18
C TYR A 75 -8.05 -11.56 -1.07
N LEU A 76 -6.91 -11.45 -1.72
CA LEU A 76 -5.92 -12.53 -1.71
C LEU A 76 -5.72 -13.04 -0.29
N PHE A 77 -5.40 -12.11 0.61
CA PHE A 77 -5.04 -12.43 1.99
C PHE A 77 -6.22 -12.85 2.91
N SER A 78 -7.08 -11.90 3.29
CA SER A 78 -8.32 -12.19 4.04
C SER A 78 -9.32 -12.99 3.18
N MET A 79 -8.78 -13.85 2.29
CA MET A 79 -9.60 -14.77 1.48
C MET A 79 -10.46 -15.65 2.40
N GLY A 80 -11.27 -16.52 1.82
CA GLY A 80 -12.31 -17.22 2.56
C GLY A 80 -13.60 -16.42 2.54
N ASP A 81 -13.46 -15.11 2.27
CA ASP A 81 -14.59 -14.23 2.00
C ASP A 81 -14.32 -13.54 0.68
N PRO A 82 -14.69 -14.19 -0.43
CA PRO A 82 -14.39 -13.79 -1.80
C PRO A 82 -15.50 -12.96 -2.38
N VAL A 83 -16.32 -12.40 -1.48
CA VAL A 83 -17.44 -11.51 -1.84
C VAL A 83 -17.34 -10.24 -1.02
N GLY A 84 -17.11 -10.40 0.28
CA GLY A 84 -16.92 -9.28 1.19
C GLY A 84 -16.08 -8.18 0.61
N PRO A 85 -14.89 -8.53 0.08
CA PRO A 85 -14.08 -7.59 -0.69
C PRO A 85 -14.91 -6.82 -1.71
N PHE A 86 -15.78 -7.52 -2.42
CA PHE A 86 -16.53 -6.87 -3.49
C PHE A 86 -17.54 -5.86 -2.96
N ALA A 87 -18.31 -6.27 -1.97
CA ALA A 87 -19.30 -5.40 -1.35
C ALA A 87 -18.65 -4.15 -0.77
N ASN A 88 -17.47 -4.32 -0.16
CA ASN A 88 -16.72 -3.21 0.41
C ASN A 88 -16.29 -2.25 -0.70
N PHE A 89 -15.90 -2.79 -1.85
CA PHE A 89 -15.61 -1.91 -2.98
C PHE A 89 -16.84 -1.16 -3.48
N LEU A 90 -17.96 -1.87 -3.63
CA LEU A 90 -19.15 -1.26 -4.19
C LEU A 90 -19.64 -0.10 -3.32
N ALA A 91 -19.74 -0.33 -2.02
CA ALA A 91 -20.08 0.74 -1.09
C ALA A 91 -19.08 1.88 -1.22
N GLY A 92 -17.80 1.59 -1.06
CA GLY A 92 -16.78 2.61 -1.20
C GLY A 92 -16.98 3.47 -2.44
N ALA A 93 -17.13 2.84 -3.59
CA ALA A 93 -17.17 3.56 -4.85
C ALA A 93 -18.49 4.30 -5.06
N SER A 94 -19.61 3.65 -4.78
CA SER A 94 -20.88 4.34 -4.93
C SER A 94 -20.90 5.62 -4.09
N PHE A 95 -20.57 5.46 -2.82
CA PHE A 95 -20.54 6.59 -1.91
C PHE A 95 -19.53 7.66 -2.34
N LEU A 96 -18.29 7.27 -2.61
CA LEU A 96 -17.28 8.27 -2.95
C LEU A 96 -17.64 8.94 -4.26
N LEU A 97 -18.29 8.21 -5.14
CA LEU A 97 -18.66 8.75 -6.44
C LEU A 97 -19.70 9.83 -6.32
N THR A 98 -20.81 9.53 -5.64
CA THR A 98 -21.89 10.50 -5.53
C THR A 98 -21.45 11.68 -4.66
N ALA A 99 -20.72 11.41 -3.59
CA ALA A 99 -20.23 12.48 -2.72
C ALA A 99 -19.36 13.46 -3.49
N TYR A 100 -18.61 12.95 -4.46
CA TYR A 100 -17.84 13.84 -5.31
C TYR A 100 -18.75 14.45 -6.34
N ALA A 101 -19.71 13.67 -6.83
CA ALA A 101 -20.70 14.16 -7.79
C ALA A 101 -21.68 15.11 -7.10
N ILE A 102 -21.24 15.72 -6.00
CA ILE A 102 -22.02 16.75 -5.32
C ILE A 102 -21.10 17.89 -4.88
N TYR A 103 -20.00 17.57 -4.24
CA TYR A 103 -18.98 18.57 -3.91
C TYR A 103 -18.33 19.10 -5.18
N LYS A 104 -18.58 18.41 -6.29
CA LYS A 104 -18.06 18.79 -7.61
C LYS A 104 -18.57 20.17 -8.04
N ASN A 105 -19.89 20.34 -7.99
CA ASN A 105 -20.57 21.54 -8.49
C ASN A 105 -20.26 22.78 -7.65
N LYS A 106 -21.18 23.75 -7.69
CA LYS A 106 -20.99 25.05 -7.04
C LYS A 106 -20.35 24.95 -5.64
N ARG A 107 -19.41 25.85 -5.37
CA ARG A 107 -18.81 26.04 -4.06
C ARG A 107 -18.19 24.80 -3.39
N SER A 108 -17.98 24.88 -2.09
CA SER A 108 -17.25 23.86 -1.36
C SER A 108 -17.97 23.34 -0.13
N THR A 109 -17.52 23.78 1.03
CA THR A 109 -17.81 23.11 2.31
C THR A 109 -19.25 22.68 2.56
N LYS A 110 -20.19 23.58 2.33
CA LYS A 110 -21.60 23.25 2.44
C LYS A 110 -21.87 22.09 1.50
N SER A 111 -21.20 22.10 0.36
CA SER A 111 -21.37 21.06 -0.66
C SER A 111 -20.74 19.74 -0.25
N LEU A 112 -19.53 19.82 0.33
CA LEU A 112 -18.81 18.62 0.76
C LEU A 112 -19.69 17.84 1.72
N ILE A 113 -20.11 18.49 2.80
CA ILE A 113 -20.90 17.82 3.82
C ILE A 113 -22.21 17.25 3.30
N THR A 114 -22.93 18.03 2.49
CA THR A 114 -24.16 17.50 1.92
C THR A 114 -23.87 16.36 0.94
N GLY A 115 -22.69 16.40 0.34
CA GLY A 115 -22.23 15.36 -0.56
C GLY A 115 -22.05 14.08 0.21
N LEU A 116 -21.57 14.21 1.44
CA LEU A 116 -21.46 13.05 2.34
C LEU A 116 -22.84 12.54 2.79
N ILE A 117 -23.78 13.43 3.07
CA ILE A 117 -25.11 12.95 3.47
C ILE A 117 -25.84 12.20 2.35
N ILE A 118 -25.89 12.77 1.16
CA ILE A 118 -26.47 12.08 0.03
C ILE A 118 -25.63 10.86 -0.33
N ALA A 119 -24.33 10.96 -0.11
CA ALA A 119 -23.42 9.88 -0.36
C ALA A 119 -23.79 8.62 0.43
N THR A 120 -23.95 8.74 1.74
CA THR A 120 -24.35 7.58 2.55
C THR A 120 -25.76 7.13 2.18
N ILE A 121 -26.63 8.05 1.79
CA ILE A 121 -27.98 7.65 1.41
C ILE A 121 -27.97 6.81 0.13
N VAL A 122 -27.21 7.24 -0.87
CA VAL A 122 -27.02 6.45 -2.09
C VAL A 122 -26.49 5.08 -1.69
N MET A 123 -25.30 5.09 -1.12
CA MET A 123 -24.60 3.88 -0.70
C MET A 123 -25.56 2.90 -0.05
N THR A 124 -26.39 3.37 0.88
CA THR A 124 -27.31 2.46 1.57
C THR A 124 -28.37 1.91 0.62
N ILE A 125 -28.91 2.76 -0.25
CA ILE A 125 -29.89 2.31 -1.22
C ILE A 125 -29.32 1.28 -2.18
N VAL A 126 -28.28 1.68 -2.90
CA VAL A 126 -27.68 0.83 -3.91
C VAL A 126 -27.20 -0.48 -3.31
N LEU A 127 -26.73 -0.44 -2.07
CA LEU A 127 -26.19 -1.66 -1.47
C LEU A 127 -27.24 -2.54 -0.87
N SER A 128 -28.30 -1.96 -0.32
CA SER A 128 -29.40 -2.83 0.11
C SER A 128 -30.06 -3.49 -1.11
N ILE A 129 -29.97 -2.82 -2.27
CA ILE A 129 -30.40 -3.42 -3.52
C ILE A 129 -29.50 -4.61 -3.94
N LEU A 130 -28.25 -4.32 -4.32
CA LEU A 130 -27.32 -5.37 -4.74
C LEU A 130 -27.11 -6.39 -3.65
N ASN A 131 -27.52 -6.07 -2.44
CA ASN A 131 -27.48 -7.08 -1.38
C ASN A 131 -28.62 -8.09 -1.47
N TYR A 132 -29.75 -7.67 -2.05
CA TYR A 132 -30.76 -8.63 -2.54
C TYR A 132 -30.41 -9.22 -3.91
N PHE A 133 -29.20 -9.78 -3.97
CA PHE A 133 -28.61 -10.46 -5.11
C PHE A 133 -27.07 -10.46 -4.93
N VAL A 134 -26.66 -10.55 -3.65
CA VAL A 134 -25.27 -10.73 -3.22
C VAL A 134 -25.21 -11.36 -1.82
N LEU A 135 -26.29 -11.25 -1.06
CA LEU A 135 -26.36 -11.96 0.21
C LEU A 135 -26.40 -13.47 -0.08
N LEU A 136 -27.10 -13.80 -1.16
CA LEU A 136 -27.14 -15.17 -1.68
C LEU A 136 -25.75 -15.80 -1.98
N PRO A 137 -24.95 -15.16 -2.85
CA PRO A 137 -23.57 -15.67 -2.97
C PRO A 137 -22.70 -15.65 -1.68
N LEU A 138 -22.94 -14.80 -0.68
CA LEU A 138 -22.26 -15.11 0.60
C LEU A 138 -23.03 -16.18 1.38
N TYR A 139 -23.92 -16.90 0.71
CA TYR A 139 -24.15 -18.28 1.12
C TYR A 139 -23.16 -19.20 0.40
N GLY A 140 -23.14 -19.10 -0.92
CA GLY A 140 -22.23 -19.90 -1.72
C GLY A 140 -20.85 -19.96 -1.08
N MET A 141 -20.28 -18.79 -0.79
CA MET A 141 -18.98 -18.72 -0.12
C MET A 141 -19.09 -19.11 1.35
N LYS A 153 -34.21 -13.37 5.84
CA LYS A 153 -33.47 -12.84 4.69
C LYS A 153 -33.75 -11.35 4.49
N VAL A 154 -35.02 -10.98 4.48
CA VAL A 154 -35.42 -9.57 4.45
C VAL A 154 -35.01 -8.91 5.76
N ILE A 155 -35.31 -9.60 6.85
CA ILE A 155 -34.92 -9.18 8.18
C ILE A 155 -33.41 -9.00 8.22
N ILE A 156 -32.73 -9.82 7.43
CA ILE A 156 -31.28 -9.68 7.21
C ILE A 156 -30.94 -8.36 6.55
N VAL A 157 -31.69 -7.98 5.52
CA VAL A 157 -31.48 -6.68 4.89
C VAL A 157 -31.76 -5.55 5.87
N SER A 158 -32.60 -5.77 6.86
CA SER A 158 -32.73 -4.80 7.97
C SER A 158 -31.86 -5.17 9.21
N GLY A 159 -30.77 -5.87 8.93
CA GLY A 159 -29.56 -5.78 9.72
C GLY A 159 -28.51 -5.11 8.82
N ILE A 160 -28.70 -5.20 7.51
CA ILE A 160 -27.80 -4.60 6.53
C ILE A 160 -27.84 -3.10 6.58
N ILE A 161 -29.04 -2.55 6.36
CA ILE A 161 -29.21 -1.11 6.27
C ILE A 161 -28.65 -0.41 7.50
N PRO A 162 -29.19 -0.73 8.68
CA PRO A 162 -28.66 -0.08 9.88
C PRO A 162 -27.12 -0.01 9.83
N PHE A 163 -26.48 -1.04 9.32
CA PHE A 163 -25.03 -1.03 9.16
C PHE A 163 -24.60 0.08 8.21
N ASN A 164 -25.00 -0.03 6.95
CA ASN A 164 -24.66 0.93 5.90
C ASN A 164 -24.76 2.39 6.33
N ILE A 165 -25.81 2.68 7.10
CA ILE A 165 -26.02 4.00 7.66
C ILE A 165 -24.83 4.46 8.50
N ILE A 166 -24.47 3.63 9.48
CA ILE A 166 -23.40 3.95 10.41
C ILE A 166 -22.06 4.06 9.70
N LYS A 167 -21.83 3.21 8.70
CA LYS A 167 -20.62 3.33 7.90
C LYS A 167 -20.62 4.68 7.18
N GLY A 168 -21.73 5.01 6.52
CA GLY A 168 -21.83 6.30 5.85
C GLY A 168 -21.41 7.40 6.79
N ILE A 169 -22.20 7.55 7.85
CA ILE A 169 -21.97 8.56 8.87
C ILE A 169 -20.53 8.61 9.36
N VAL A 170 -20.09 7.52 9.98
CA VAL A 170 -18.83 7.48 10.68
C VAL A 170 -17.61 7.73 9.78
N ILE A 171 -17.59 7.10 8.62
CA ILE A 171 -16.57 7.41 7.63
C ILE A 171 -16.58 8.90 7.36
N SER A 172 -17.78 9.47 7.30
CA SER A 172 -17.91 10.89 6.98
C SER A 172 -17.32 11.72 8.08
N ILE A 173 -17.66 11.40 9.31
CA ILE A 173 -17.15 12.14 10.44
C ILE A 173 -15.65 12.11 10.46
N VAL A 174 -15.08 10.91 10.37
CA VAL A 174 -13.63 10.75 10.40
C VAL A 174 -12.95 11.45 9.25
N PHE A 175 -13.50 11.29 8.05
CA PHE A 175 -12.96 11.89 6.84
C PHE A 175 -12.87 13.37 7.06
N ILE A 176 -13.98 13.88 7.56
CA ILE A 176 -14.19 15.30 7.72
C ILE A 176 -13.16 15.86 8.68
N LEU A 177 -12.98 15.20 9.80
CA LEU A 177 -11.99 15.63 10.76
C LEU A 177 -10.63 15.72 10.08
N LEU A 178 -10.19 14.65 9.44
CA LEU A 178 -8.83 14.63 8.88
C LEU A 178 -8.67 15.65 7.77
N TYR A 179 -9.63 15.67 6.87
CA TYR A 179 -9.60 16.61 5.76
C TYR A 179 -9.44 18.01 6.31
N ARG A 180 -10.09 18.28 7.44
CA ARG A 180 -9.89 19.53 8.15
C ARG A 180 -8.40 19.69 8.46
N ARG A 181 -7.87 18.76 9.24
CA ARG A 181 -6.50 18.86 9.72
C ARG A 181 -5.52 18.89 8.59
N LEU A 182 -6.00 19.14 7.37
CA LEU A 182 -5.11 19.45 6.27
C LEU A 182 -4.86 20.95 6.08
N ALA A 183 -5.66 21.79 6.74
CA ALA A 183 -5.47 23.23 6.69
C ALA A 183 -4.08 23.57 7.20
N ASN A 184 -3.67 22.88 8.26
CA ASN A 184 -2.35 23.05 8.86
C ASN A 184 -1.31 23.66 7.94
N PHE A 185 -0.56 22.81 7.24
CA PHE A 185 0.37 23.35 6.25
C PHE A 185 -0.08 23.14 4.81
N LEU A 186 -1.36 22.81 4.65
CA LEU A 186 -1.97 23.04 3.35
C LEU A 186 -1.83 24.54 3.07
N LYS A 187 -1.78 25.32 4.15
CA LYS A 187 -1.44 26.74 4.08
C LYS A 187 -0.61 27.19 5.29
N ARG A 188 -1.27 27.37 6.43
CA ARG A 188 -0.61 27.73 7.68
C ARG A 188 0.15 26.56 8.29
N GLN B 10 -4.07 2.18 -18.76
CA GLN B 10 -2.73 2.02 -19.32
C GLN B 10 -1.72 2.62 -18.36
N GLN B 11 -1.59 3.94 -18.43
CA GLN B 11 -0.89 4.69 -17.40
C GLN B 11 -1.53 4.31 -16.08
N ASN B 12 -2.85 4.17 -16.08
CA ASN B 12 -3.59 3.80 -14.90
C ASN B 12 -3.37 2.35 -14.46
N LYS B 13 -3.16 1.46 -15.43
CA LYS B 13 -2.83 0.07 -15.13
C LYS B 13 -1.49 -0.04 -14.41
N ARG B 14 -0.50 0.70 -14.91
CA ARG B 14 0.80 0.77 -14.24
C ARG B 14 0.63 1.32 -12.84
N LEU B 15 -0.16 2.37 -12.72
CA LEU B 15 -0.34 3.01 -11.43
C LEU B 15 -1.00 2.08 -10.44
N ILE B 16 -2.02 1.37 -10.88
CA ILE B 16 -2.72 0.43 -10.02
C ILE B 16 -1.76 -0.59 -9.43
N THR B 17 -1.01 -1.28 -10.29
CA THR B 17 -0.10 -2.32 -9.80
C THR B 17 1.03 -1.77 -8.92
N ILE B 18 1.58 -0.62 -9.30
CA ILE B 18 2.58 0.02 -8.48
C ILE B 18 2.03 0.15 -7.07
N SER B 19 0.79 0.63 -6.97
CA SER B 19 0.11 0.79 -5.68
C SER B 19 0.00 -0.52 -4.89
N MET B 20 -0.38 -1.60 -5.56
CA MET B 20 -0.52 -2.87 -4.90
C MET B 20 0.82 -3.30 -4.31
N LEU B 21 1.87 -3.14 -5.11
CA LEU B 21 3.23 -3.56 -4.72
C LEU B 21 3.74 -2.76 -3.53
N SER B 22 3.37 -1.48 -3.50
CA SER B 22 3.73 -0.60 -2.40
C SER B 22 2.98 -0.98 -1.12
N ALA B 23 1.73 -1.41 -1.28
CA ALA B 23 0.92 -1.84 -0.15
C ALA B 23 1.49 -3.08 0.53
N ILE B 24 1.78 -4.09 -0.29
CA ILE B 24 2.45 -5.30 0.19
C ILE B 24 3.81 -5.01 0.81
N ALA B 25 4.57 -4.12 0.19
CA ALA B 25 5.87 -3.76 0.73
C ALA B 25 5.74 -3.11 2.10
N PHE B 26 4.88 -2.11 2.20
CA PHE B 26 4.67 -1.42 3.46
C PHE B 26 4.35 -2.44 4.53
N VAL B 27 3.42 -3.35 4.23
CA VAL B 27 3.08 -4.43 5.13
C VAL B 27 4.29 -5.21 5.63
N LEU B 28 5.01 -5.84 4.70
CA LEU B 28 6.24 -6.58 4.98
C LEU B 28 7.29 -5.74 5.68
N THR B 29 7.04 -4.44 5.78
CA THR B 29 7.97 -3.54 6.42
C THR B 29 8.08 -3.89 7.89
N PHE B 30 6.97 -4.36 8.46
CA PHE B 30 6.84 -4.61 9.90
C PHE B 30 7.27 -6.00 10.32
N ILE B 31 7.23 -6.92 9.36
CA ILE B 31 7.82 -8.24 9.56
C ILE B 31 9.33 -8.20 9.36
N LYS B 32 10.02 -7.57 10.32
CA LYS B 32 11.46 -7.43 10.30
C LYS B 32 12.05 -8.26 11.43
N PHE B 33 13.30 -8.69 11.30
CA PHE B 33 13.91 -9.53 12.35
C PHE B 33 15.44 -9.53 12.40
N PRO B 34 16.03 -8.64 13.20
CA PRO B 34 17.47 -8.38 13.31
C PRO B 34 18.26 -9.65 13.23
N ILE B 35 19.51 -9.53 12.77
CA ILE B 35 20.34 -10.69 12.48
C ILE B 35 21.19 -11.09 13.68
N PRO B 36 21.19 -12.39 14.00
CA PRO B 36 21.95 -12.92 15.13
C PRO B 36 23.39 -12.51 15.01
N PHE B 37 24.01 -12.14 16.12
CA PHE B 37 25.43 -11.82 16.13
C PHE B 37 25.73 -10.52 15.40
N LEU B 38 24.72 -9.96 14.75
CA LEU B 38 24.92 -8.69 14.08
C LEU B 38 24.02 -7.64 14.71
N PRO B 39 24.46 -6.37 14.64
CA PRO B 39 23.70 -5.22 15.13
C PRO B 39 22.19 -5.34 14.84
N PRO B 40 21.35 -4.73 15.69
CA PRO B 40 19.90 -4.85 15.65
C PRO B 40 19.16 -3.65 15.01
N TYR B 41 19.88 -2.59 14.65
CA TYR B 41 19.27 -1.53 13.85
C TYR B 41 19.18 -1.98 12.41
N LEU B 42 19.90 -3.05 12.12
CA LEU B 42 19.82 -3.72 10.83
C LEU B 42 18.84 -4.90 10.98
N THR B 43 17.64 -4.75 10.42
CA THR B 43 16.55 -5.68 10.72
C THR B 43 16.22 -6.72 9.65
N LEU B 44 16.20 -6.33 8.38
CA LEU B 44 15.96 -7.28 7.29
C LEU B 44 14.50 -7.73 7.03
N ASP B 45 13.96 -7.35 5.87
CA ASP B 45 12.60 -7.70 5.49
C ASP B 45 12.46 -7.80 3.98
N PHE B 46 11.38 -8.43 3.54
CA PHE B 46 11.15 -8.59 2.10
C PHE B 46 10.28 -7.45 1.58
N SER B 47 10.36 -6.33 2.28
CA SER B 47 9.77 -5.10 1.81
C SER B 47 10.49 -4.69 0.51
N ASP B 48 11.54 -5.42 0.17
CA ASP B 48 12.35 -5.11 -1.00
C ASP B 48 12.09 -6.00 -2.19
N VAL B 49 11.59 -7.20 -1.97
CA VAL B 49 11.21 -8.09 -3.07
C VAL B 49 10.17 -7.49 -4.03
N PRO B 50 9.08 -6.91 -3.48
CA PRO B 50 8.09 -6.30 -4.38
C PRO B 50 8.67 -5.09 -5.06
N SER B 51 9.58 -4.39 -4.41
CA SER B 51 10.31 -3.32 -5.08
C SER B 51 10.90 -3.88 -6.37
N LEU B 52 11.51 -5.06 -6.28
CA LEU B 52 12.14 -5.72 -7.44
C LEU B 52 11.17 -6.23 -8.51
N LEU B 53 10.03 -6.78 -8.10
CA LEU B 53 9.01 -7.16 -9.06
C LEU B 53 8.57 -5.91 -9.81
N ALA B 54 8.42 -4.83 -9.09
CA ALA B 54 8.06 -3.56 -9.70
C ALA B 54 9.06 -3.19 -10.77
N THR B 55 10.35 -3.32 -10.47
CA THR B 55 11.37 -2.84 -11.41
C THR B 55 11.53 -3.75 -12.63
N PHE B 56 11.44 -5.06 -12.42
CA PHE B 56 11.52 -6.00 -13.54
C PHE B 56 10.14 -6.24 -14.19
N THR B 57 9.22 -5.30 -13.96
CA THR B 57 7.96 -5.31 -14.68
C THR B 57 7.73 -3.95 -15.37
N PHE B 58 8.10 -2.87 -14.69
CA PHE B 58 8.02 -1.53 -15.27
C PHE B 58 9.40 -0.93 -15.33
N GLY B 59 9.52 0.35 -15.00
CA GLY B 59 10.84 0.97 -15.02
C GLY B 59 11.73 0.47 -13.90
N PRO B 60 12.91 1.05 -13.76
CA PRO B 60 13.56 1.06 -12.46
C PRO B 60 12.91 2.19 -11.64
N VAL B 61 12.30 3.14 -12.35
CA VAL B 61 11.56 4.25 -11.75
C VAL B 61 10.33 3.71 -11.02
N ALA B 62 9.64 2.77 -11.64
CA ALA B 62 8.56 2.04 -10.99
C ALA B 62 9.11 1.37 -9.74
N GLY B 63 10.29 0.77 -9.85
CA GLY B 63 10.92 0.17 -8.70
C GLY B 63 11.17 1.17 -7.58
N ILE B 64 11.75 2.31 -7.92
CA ILE B 64 12.15 3.28 -6.91
C ILE B 64 10.92 3.82 -6.21
N ILE B 65 9.86 4.07 -6.96
CA ILE B 65 8.60 4.50 -6.36
C ILE B 65 8.21 3.54 -5.24
N VAL B 66 8.32 2.23 -5.48
CA VAL B 66 7.94 1.27 -4.46
C VAL B 66 8.85 1.28 -3.23
N ALA B 67 10.17 1.24 -3.43
CA ALA B 67 11.08 1.23 -2.29
C ALA B 67 10.89 2.50 -1.48
N LEU B 68 10.57 3.58 -2.18
CA LEU B 68 10.36 4.88 -1.56
C LEU B 68 9.07 5.03 -0.73
N VAL B 69 7.91 4.72 -1.34
CA VAL B 69 6.63 4.74 -0.63
C VAL B 69 6.64 3.82 0.60
N LYS B 70 7.17 2.61 0.44
CA LYS B 70 7.26 1.69 1.57
C LYS B 70 8.03 2.36 2.70
N ASN B 71 9.16 2.97 2.38
CA ASN B 71 9.99 3.58 3.43
C ASN B 71 9.36 4.79 4.12
N LEU B 72 8.66 5.63 3.36
CA LEU B 72 7.95 6.78 3.95
C LEU B 72 6.94 6.39 5.01
N LEU B 73 6.01 5.55 4.60
CA LEU B 73 5.02 5.06 5.53
C LEU B 73 5.69 4.47 6.78
N ASN B 74 6.66 3.57 6.58
CA ASN B 74 7.39 2.97 7.70
C ASN B 74 7.99 4.04 8.58
N TYR B 75 8.39 5.16 7.98
CA TYR B 75 8.93 6.27 8.75
C TYR B 75 7.93 6.82 9.78
N LEU B 76 6.82 7.36 9.28
CA LEU B 76 5.82 7.96 10.15
C LEU B 76 5.54 7.04 11.33
N PHE B 77 5.19 5.80 11.00
CA PHE B 77 4.75 4.83 12.00
C PHE B 77 5.87 4.23 12.89
N SER B 78 6.72 3.38 12.33
CA SER B 78 7.90 2.85 13.03
C SER B 78 8.92 3.96 13.29
N MET B 79 8.44 5.19 13.53
CA MET B 79 9.29 6.33 13.92
C MET B 79 10.08 5.98 15.18
N GLY B 80 10.91 6.90 15.65
CA GLY B 80 11.88 6.61 16.69
C GLY B 80 13.19 6.14 16.06
N ASP B 81 13.08 5.69 14.80
CA ASP B 81 14.23 5.41 13.97
C ASP B 81 14.06 6.16 12.65
N PRO B 82 14.48 7.44 12.64
CA PRO B 82 14.26 8.41 11.56
C PRO B 82 15.42 8.40 10.58
N VAL B 83 16.21 7.33 10.62
CA VAL B 83 17.35 7.12 9.73
C VAL B 83 17.24 5.74 9.08
N GLY B 84 16.91 4.74 9.89
CA GLY B 84 16.70 3.39 9.42
C GLY B 84 15.89 3.32 8.14
N PRO B 85 14.75 4.01 8.11
CA PRO B 85 14.00 4.20 6.87
C PRO B 85 14.88 4.62 5.71
N PHE B 86 15.78 5.56 5.95
CA PHE B 86 16.61 6.09 4.86
C PHE B 86 17.62 5.09 4.34
N ALA B 87 18.34 4.45 5.24
CA ALA B 87 19.29 3.41 4.87
C ALA B 87 18.63 2.28 4.09
N ASN B 88 17.43 1.88 4.51
CA ASN B 88 16.67 0.83 3.83
C ASN B 88 16.30 1.27 2.42
N PHE B 89 15.99 2.54 2.25
CA PHE B 89 15.77 3.06 0.91
C PHE B 89 17.03 3.06 0.05
N LEU B 90 18.14 3.53 0.60
CA LEU B 90 19.38 3.61 -0.14
C LEU B 90 19.85 2.23 -0.64
N ALA B 91 19.87 1.25 0.25
CA ALA B 91 20.16 -0.11 -0.14
C ALA B 91 19.19 -0.58 -1.22
N GLY B 92 17.90 -0.55 -0.93
CA GLY B 92 16.91 -0.92 -1.92
C GLY B 92 17.18 -0.33 -3.31
N ALA B 93 17.39 0.98 -3.38
CA ALA B 93 17.53 1.67 -4.66
C ALA B 93 18.86 1.40 -5.33
N SER B 94 19.96 1.47 -4.59
CA SER B 94 21.26 1.19 -5.19
C SER B 94 21.25 -0.21 -5.82
N PHE B 95 20.81 -1.19 -5.04
CA PHE B 95 20.76 -2.55 -5.51
C PHE B 95 19.80 -2.72 -6.69
N LEU B 96 18.58 -2.23 -6.55
CA LEU B 96 17.61 -2.45 -7.61
C LEU B 96 18.07 -1.71 -8.86
N LEU B 97 18.75 -0.58 -8.68
CA LEU B 97 19.19 0.21 -9.82
C LEU B 97 20.25 -0.50 -10.62
N THR B 98 21.31 -0.95 -9.95
CA THR B 98 22.39 -1.60 -10.67
C THR B 98 21.91 -2.93 -11.25
N ALA B 99 21.13 -3.68 -10.47
CA ALA B 99 20.61 -4.96 -10.93
C ALA B 99 19.80 -4.80 -12.20
N TYR B 100 19.11 -3.68 -12.33
CA TYR B 100 18.41 -3.41 -13.56
C TYR B 100 19.37 -2.88 -14.59
N ALA B 101 20.35 -2.10 -14.14
CA ALA B 101 21.40 -1.58 -15.01
C ALA B 101 22.36 -2.69 -15.43
N ILE B 102 21.87 -3.94 -15.35
CA ILE B 102 22.62 -5.10 -15.83
C ILE B 102 21.70 -6.04 -16.63
N TYR B 103 20.56 -6.41 -16.05
CA TYR B 103 19.54 -7.16 -16.79
C TYR B 103 18.96 -6.32 -17.94
N LYS B 104 19.26 -5.03 -17.93
CA LYS B 104 18.83 -4.09 -18.98
C LYS B 104 19.38 -4.48 -20.35
N ASN B 105 20.70 -4.66 -20.41
CA ASN B 105 21.42 -4.90 -21.65
C ASN B 105 21.09 -6.27 -22.28
N LYS B 106 22.01 -6.79 -23.10
CA LYS B 106 21.81 -8.01 -23.86
C LYS B 106 21.10 -9.12 -23.06
N ARG B 107 20.16 -9.78 -23.72
CA ARG B 107 19.49 -10.99 -23.20
C ARG B 107 18.80 -10.86 -21.82
N SER B 108 18.52 -12.01 -21.20
CA SER B 108 17.72 -12.06 -19.99
C SER B 108 18.37 -12.86 -18.88
N THR B 109 17.86 -14.06 -18.65
CA THR B 109 18.08 -14.78 -17.39
C THR B 109 19.51 -14.81 -16.83
N LYS B 110 20.47 -15.13 -17.68
CA LYS B 110 21.86 -15.12 -17.26
C LYS B 110 22.15 -13.70 -16.76
N SER B 111 21.56 -12.72 -17.43
CA SER B 111 21.78 -11.34 -17.07
C SER B 111 21.09 -10.97 -15.75
N LEU B 112 19.87 -11.47 -15.56
CA LEU B 112 19.10 -11.14 -14.36
C LEU B 112 19.91 -11.58 -13.16
N ILE B 113 20.30 -12.85 -13.12
CA ILE B 113 21.01 -13.39 -11.96
C ILE B 113 22.33 -12.67 -11.69
N THR B 114 23.11 -12.43 -12.73
CA THR B 114 24.36 -11.72 -12.55
C THR B 114 24.09 -10.29 -12.10
N GLY B 115 22.95 -9.74 -12.51
CA GLY B 115 22.55 -8.40 -12.13
C GLY B 115 22.31 -8.37 -10.64
N LEU B 116 21.78 -9.47 -10.12
CA LEU B 116 21.57 -9.60 -8.69
C LEU B 116 22.91 -9.76 -7.95
N ILE B 117 23.86 -10.49 -8.53
CA ILE B 117 25.15 -10.64 -7.85
C ILE B 117 25.90 -9.33 -7.74
N ILE B 118 26.06 -8.63 -8.86
CA ILE B 118 26.69 -7.30 -8.86
C ILE B 118 25.83 -6.31 -8.06
N ALA B 119 24.52 -6.52 -8.09
CA ALA B 119 23.60 -5.70 -7.34
C ALA B 119 23.91 -5.71 -5.85
N THR B 120 24.01 -6.91 -5.26
CA THR B 120 24.34 -6.99 -3.83
C THR B 120 25.75 -6.49 -3.57
N ILE B 121 26.67 -6.67 -4.53
CA ILE B 121 28.04 -6.20 -4.34
C ILE B 121 28.11 -4.67 -4.31
N VAL B 122 27.40 -4.03 -5.23
CA VAL B 122 27.26 -2.58 -5.21
C VAL B 122 26.68 -2.14 -3.86
N MET B 123 25.44 -2.57 -3.63
CA MET B 123 24.71 -2.25 -2.41
C MET B 123 25.62 -2.32 -1.20
N THR B 124 26.39 -3.39 -1.07
CA THR B 124 27.26 -3.54 0.12
C THR B 124 28.36 -2.47 0.14
N ILE B 125 28.96 -2.21 -1.01
CA ILE B 125 30.01 -1.20 -1.09
C ILE B 125 29.48 0.18 -0.76
N VAL B 126 28.48 0.61 -1.52
CA VAL B 126 27.90 1.92 -1.36
C VAL B 126 27.35 2.16 0.04
N LEU B 127 26.81 1.11 0.64
CA LEU B 127 26.23 1.25 1.97
C LEU B 127 27.24 1.17 3.08
N SER B 128 28.29 0.37 2.91
CA SER B 128 29.34 0.40 3.92
C SER B 128 30.04 1.76 3.86
N ILE B 129 29.98 2.41 2.70
CA ILE B 129 30.51 3.76 2.55
C ILE B 129 29.64 4.78 3.29
N LEU B 130 28.41 4.99 2.79
CA LEU B 130 27.47 5.92 3.43
C LEU B 130 27.19 5.56 4.88
N ASN B 131 27.53 4.36 5.29
CA ASN B 131 27.42 4.00 6.68
C ASN B 131 28.56 4.56 7.53
N TYR B 132 29.71 4.81 6.91
CA TYR B 132 30.73 5.69 7.51
C TYR B 132 30.47 7.18 7.27
N PHE B 133 29.25 7.56 7.64
CA PHE B 133 28.70 8.93 7.61
C PHE B 133 27.16 8.82 7.64
N VAL B 134 26.68 7.81 8.38
CA VAL B 134 25.27 7.58 8.69
C VAL B 134 25.12 6.74 9.97
N LEU B 135 26.14 5.99 10.33
CA LEU B 135 26.12 5.29 11.60
C LEU B 135 26.16 6.33 12.72
N LEU B 136 26.91 7.40 12.45
CA LEU B 136 26.97 8.55 13.34
C LEU B 136 25.57 9.19 13.65
N PRO B 137 24.84 9.63 12.61
CA PRO B 137 23.46 10.04 12.93
C PRO B 137 22.53 8.97 13.54
N LEU B 138 22.72 7.66 13.35
CA LEU B 138 21.98 6.77 14.28
C LEU B 138 22.68 6.65 15.62
N TYR B 139 23.59 7.57 15.93
CA TYR B 139 23.78 7.94 17.33
C TYR B 139 22.81 9.08 17.69
N GLY B 140 22.87 10.15 16.90
CA GLY B 140 21.99 11.29 17.12
C GLY B 140 20.57 10.83 17.44
N MET B 141 20.00 9.98 16.59
CA MET B 141 18.68 9.40 16.81
C MET B 141 18.68 8.36 17.93
N LYS B 153 33.63 0.95 16.11
CA LYS B 153 32.97 1.67 15.01
C LYS B 153 33.29 1.04 13.67
N VAL B 154 34.57 0.81 13.41
CA VAL B 154 34.99 0.10 12.21
C VAL B 154 34.52 -1.34 12.34
N ILE B 155 34.74 -1.90 13.52
CA ILE B 155 34.29 -3.24 13.85
C ILE B 155 32.78 -3.33 13.64
N ILE B 156 32.13 -2.20 13.89
CA ILE B 156 30.71 -2.03 13.60
C ILE B 156 30.43 -2.17 12.11
N VAL B 157 31.23 -1.52 11.27
CA VAL B 157 31.09 -1.68 9.83
C VAL B 157 31.34 -3.13 9.39
N SER B 158 32.11 -3.89 10.15
CA SER B 158 32.19 -5.35 9.91
C SER B 158 31.26 -6.16 10.84
N GLY B 159 30.18 -5.50 11.25
CA GLY B 159 28.93 -6.16 11.54
C GLY B 159 27.93 -5.73 10.47
N ILE B 160 28.20 -4.56 9.85
CA ILE B 160 27.37 -4.03 8.76
C ILE B 160 27.44 -4.86 7.51
N ILE B 161 28.65 -5.01 6.97
CA ILE B 161 28.85 -5.70 5.72
C ILE B 161 28.22 -7.09 5.77
N PRO B 162 28.70 -7.96 6.68
CA PRO B 162 28.11 -9.31 6.73
C PRO B 162 26.58 -9.26 6.57
N PHE B 163 25.94 -8.23 7.14
CA PHE B 163 24.51 -8.05 6.98
C PHE B 163 24.15 -7.83 5.52
N ASN B 164 24.61 -6.70 4.98
CA ASN B 164 24.33 -6.30 3.59
C ASN B 164 24.44 -7.46 2.59
N ILE B 165 25.45 -8.30 2.79
CA ILE B 165 25.65 -9.49 1.98
C ILE B 165 24.43 -10.40 2.00
N ILE B 166 23.99 -10.77 3.19
CA ILE B 166 22.88 -11.69 3.36
C ILE B 166 21.57 -11.11 2.85
N LYS B 167 21.39 -9.80 3.01
CA LYS B 167 20.22 -9.12 2.41
C LYS B 167 20.29 -9.24 0.89
N GLY B 168 21.41 -8.87 0.30
CA GLY B 168 21.56 -9.01 -1.13
C GLY B 168 21.14 -10.40 -1.59
N ILE B 169 21.90 -11.39 -1.13
CA ILE B 169 21.63 -12.79 -1.44
C ILE B 169 20.15 -13.16 -1.27
N VAL B 170 19.67 -13.05 -0.05
CA VAL B 170 18.36 -13.59 0.31
C VAL B 170 17.20 -12.93 -0.43
N ILE B 171 17.24 -11.61 -0.52
CA ILE B 171 16.25 -10.91 -1.33
C ILE B 171 16.32 -11.48 -2.73
N SER B 172 17.54 -11.76 -3.21
CA SER B 172 17.71 -12.22 -4.58
C SER B 172 17.10 -13.58 -4.74
N ILE B 173 17.35 -14.45 -3.79
CA ILE B 173 16.80 -15.79 -3.84
C ILE B 173 15.29 -15.74 -3.86
N VAL B 174 14.73 -14.97 -2.94
CA VAL B 174 13.28 -14.86 -2.84
C VAL B 174 12.65 -14.24 -4.07
N PHE B 175 13.27 -13.17 -4.54
CA PHE B 175 12.80 -12.46 -5.73
C PHE B 175 12.75 -13.42 -6.88
N ILE B 176 13.82 -14.17 -6.98
CA ILE B 176 14.07 -15.07 -8.09
C ILE B 176 13.01 -16.15 -8.11
N LEU B 177 12.76 -16.76 -6.95
CA LEU B 177 11.69 -17.74 -6.86
C LEU B 177 10.36 -17.17 -7.35
N LEU B 178 9.94 -16.05 -6.79
CA LEU B 178 8.62 -15.49 -7.14
C LEU B 178 8.55 -15.11 -8.60
N TYR B 179 9.57 -14.39 -9.05
CA TYR B 179 9.62 -13.94 -10.42
C TYR B 179 9.44 -15.14 -11.33
N ARG B 180 10.01 -16.27 -10.91
CA ARG B 180 9.80 -17.53 -11.62
C ARG B 180 8.30 -17.82 -11.66
N ARG B 181 7.71 -17.98 -10.47
CA ARG B 181 6.32 -18.38 -10.38
C ARG B 181 5.38 -17.39 -11.06
N LEU B 182 5.94 -16.51 -11.88
CA LEU B 182 5.12 -15.71 -12.76
C LEU B 182 4.90 -16.34 -14.14
N ALA B 183 5.70 -17.37 -14.45
CA ALA B 183 5.54 -18.09 -15.71
C ALA B 183 4.13 -18.66 -15.80
N ASN B 184 3.65 -19.18 -14.66
CA ASN B 184 2.30 -19.74 -14.55
C ASN B 184 1.32 -19.24 -15.59
N PHE B 185 0.60 -18.16 -15.29
CA PHE B 185 -0.25 -17.58 -16.32
C PHE B 185 0.28 -16.27 -16.87
N LEU B 186 1.56 -15.99 -16.62
CA LEU B 186 2.24 -15.03 -17.47
C LEU B 186 2.12 -15.57 -18.89
N LYS B 187 2.04 -16.90 -18.99
CA LYS B 187 1.73 -17.59 -20.24
C LYS B 187 0.83 -18.83 -20.00
N ARG B 188 1.43 -19.91 -19.53
CA ARG B 188 0.71 -21.14 -19.22
C ARG B 188 -0.11 -20.99 -17.93
N1 RBF C . -19.59 -3.36 3.46
C2 RBF C . -20.39 -2.24 3.38
O2 RBF C . -19.92 -1.13 3.56
N3 RBF C . -21.73 -2.36 3.11
C4 RBF C . -22.28 -3.61 2.89
O4 RBF C . -23.47 -3.75 2.64
C4A RBF C . -21.47 -4.73 2.97
N5 RBF C . -22.06 -5.94 2.75
C5A RBF C . -21.30 -7.08 2.82
C6 RBF C . -21.94 -8.28 2.60
C7 RBF C . -21.22 -9.45 2.65
C7M RBF C . -21.94 -10.74 2.40
C8 RBF C . -19.85 -9.40 2.93
C8M RBF C . -19.06 -10.68 2.99
C9 RBF C . -19.21 -8.19 3.16
C9A RBF C . -19.94 -7.00 3.10
N10 RBF C . -19.33 -5.77 3.34
C10 RBF C . -20.11 -4.62 3.25
C1' RBF C . -17.85 -5.64 3.62
C2' RBF C . -17.29 -6.22 4.90
O2' RBF C . -17.39 -5.22 5.88
C3' RBF C . -15.83 -6.56 4.59
O3' RBF C . -15.75 -6.87 3.22
C4' RBF C . -15.13 -7.71 5.35
O4' RBF C . -13.90 -8.01 4.72
C5' RBF C . -15.96 -9.00 5.42
O5' RBF C . -15.33 -9.94 6.29
N1 RBF D . 19.41 -1.59 5.75
C2 RBF D . 20.23 -2.18 4.79
O2 RBF D . 19.76 -2.92 3.91
N3 RBF D . 21.58 -1.94 4.81
C4 RBF D . 22.14 -1.13 5.77
O4 RBF D . 23.35 -0.91 5.79
C4A RBF D . 21.34 -0.54 6.73
N5 RBF D . 21.93 0.27 7.67
C5A RBF D . 21.16 0.86 8.64
C6 RBF D . 21.79 1.66 9.58
C7 RBF D . 21.06 2.28 10.56
C7M RBF D . 21.77 3.15 11.56
C8 RBF D . 19.68 2.09 10.63
C8M RBF D . 18.88 2.76 11.70
C9 RBF D . 19.04 1.28 9.69
C9A RBF D . 19.76 0.65 8.68
N10 RBF D . 19.15 -0.18 7.73
C10 RBF D . 19.95 -0.77 6.74
C1' RBF D . 17.65 -0.42 7.69
C2' RBF D . 16.98 -1.27 8.76
O2' RBF D . 17.08 -2.60 8.34
C3' RBF D . 15.50 -0.85 8.83
O3' RBF D . 15.31 0.28 8.01
C4' RBF D . 14.84 -0.57 10.20
O4' RBF D . 13.75 0.33 10.04
C5' RBF D . 15.77 -0.02 11.30
O5' RBF D . 15.21 -0.20 12.59
#